data_3UN6
#
_entry.id   3UN6
#
_cell.length_a   45.080
_cell.length_b   64.732
_cell.length_c   45.468
_cell.angle_alpha   90.00
_cell.angle_beta   91.50
_cell.angle_gamma   90.00
#
_symmetry.space_group_name_H-M   'P 1 21 1'
#
loop_
_entity.id
_entity.type
_entity.pdbx_description
1 polymer 'ABC transporter substrate-binding protein'
2 non-polymer 'ZINC ION'
3 non-polymer 'PHOSPHATE ION'
4 water water
#
_entity_poly.entity_id   1
_entity_poly.type   'polypeptide(L)'
_entity_poly.pdbx_seq_one_letter_code
;(MSE)GSSHHHHHHENLYFQGCDWQRTSKERSKNAQNQQVIKIGYLPITHSANL(MSE)(MSE)TKKLLSQYNHPKYKLE
LVKFNNWPDL(MSE)DALNSGRIDGASTLIELA(MSE)KSKQKGSNIKAVALGHHEGNVI(MSE)GQKG(MSE)HLNEFN
NNGDDYHFGIPHRYSTHYLLLEELRKQLKIKPGHFSYHE(MSE)SPAE(MSE)PAALSEHRITGYSVAEPFGALGEKLGK
GKTLKHGDDVIPDAYCCVLVLRGELLDQHKDVAQAFVQDYKKSGFK(MSE)NDRKQSVDI(MSE)THHFKQSRDVLTQSA
AWTSYGDLTIKPSGYQEITTLVKQHHLFNPPAYDDFVEPSLYKEASRS
;
_entity_poly.pdbx_strand_id   A
#
# COMPACT_ATOMS: atom_id res chain seq x y z
N GLN A 34 23.85 -15.98 9.80
CA GLN A 34 23.69 -14.51 9.47
C GLN A 34 22.28 -13.96 9.77
N GLN A 35 22.24 -12.71 10.25
CA GLN A 35 21.03 -11.99 10.67
C GLN A 35 19.80 -12.16 9.76
N VAL A 36 18.69 -12.58 10.35
CA VAL A 36 17.43 -12.78 9.65
C VAL A 36 16.52 -11.57 9.84
N ILE A 37 16.06 -10.98 8.75
CA ILE A 37 15.13 -9.88 8.79
C ILE A 37 13.81 -10.44 8.31
N LYS A 38 12.79 -10.34 9.17
CA LYS A 38 11.42 -10.80 8.82
C LYS A 38 10.57 -9.60 8.47
N ILE A 39 10.01 -9.59 7.27
CA ILE A 39 9.21 -8.45 6.83
C ILE A 39 7.85 -8.93 6.42
N GLY A 40 6.84 -8.26 6.94
CA GLY A 40 5.45 -8.60 6.67
C GLY A 40 4.81 -7.90 5.48
N TYR A 41 3.87 -8.58 4.84
CA TYR A 41 3.18 -8.01 3.70
C TYR A 41 1.85 -8.67 3.38
N LEU A 42 1.07 -7.96 2.59
CA LEU A 42 -0.13 -8.47 1.95
C LEU A 42 0.22 -8.64 0.46
N PRO A 43 -0.40 -9.64 -0.23
CA PRO A 43 -0.11 -9.95 -1.65
C PRO A 43 -0.80 -8.98 -2.65
N ILE A 44 -0.34 -7.74 -2.61
CA ILE A 44 -0.85 -6.67 -3.43
C ILE A 44 0.36 -6.08 -4.15
N THR A 45 0.15 -5.35 -5.23
CA THR A 45 1.28 -4.76 -5.98
C THR A 45 2.09 -3.78 -5.14
N HIS A 46 1.49 -3.25 -4.09
CA HIS A 46 2.19 -2.30 -3.26
C HIS A 46 3.34 -2.89 -2.47
N SER A 47 3.38 -4.21 -2.39
CA SER A 47 4.44 -4.89 -1.65
C SER A 47 5.37 -5.67 -2.54
N ALA A 48 5.18 -5.60 -3.86
CA ALA A 48 5.93 -6.43 -4.81
C ALA A 48 7.43 -6.13 -4.88
N ASN A 49 7.85 -4.92 -4.50
CA ASN A 49 9.28 -4.62 -4.50
C ASN A 49 10.02 -5.46 -3.45
N LEU A 50 9.32 -5.94 -2.42
CA LEU A 50 9.93 -6.86 -1.45
C LEU A 50 10.27 -8.20 -2.11
N THR A 53 13.31 -7.68 -4.12
CA THR A 53 14.47 -7.59 -3.21
C THR A 53 14.97 -8.97 -2.85
N LYS A 54 14.03 -9.84 -2.51
CA LYS A 54 14.29 -11.25 -2.21
C LYS A 54 14.99 -11.94 -3.38
N LYS A 55 14.50 -11.70 -4.61
CA LYS A 55 15.11 -12.33 -5.76
C LYS A 55 16.55 -11.82 -5.96
N LEU A 56 16.74 -10.52 -5.81
CA LEU A 56 18.07 -9.94 -5.96
C LEU A 56 19.05 -10.51 -4.90
N LEU A 57 18.60 -10.59 -3.65
CA LEU A 57 19.43 -11.10 -2.56
C LEU A 57 19.89 -12.54 -2.83
N SER A 58 19.05 -13.34 -3.48
N SER A 58 19.05 -13.34 -3.48
CA SER A 58 19.40 -14.72 -3.81
CA SER A 58 19.40 -14.72 -3.82
C SER A 58 20.55 -14.80 -4.83
C SER A 58 20.54 -14.81 -4.83
N GLN A 59 20.79 -13.72 -5.56
CA GLN A 59 21.85 -13.69 -6.57
C GLN A 59 23.25 -13.40 -6.02
N TYR A 60 23.38 -13.03 -4.75
CA TYR A 60 24.72 -12.83 -4.16
C TYR A 60 25.29 -14.16 -3.71
N ASN A 61 26.61 -14.31 -3.87
CA ASN A 61 27.30 -15.50 -3.39
C ASN A 61 27.13 -15.59 -1.87
N HIS A 62 27.35 -14.46 -1.20
CA HIS A 62 27.20 -14.38 0.25
C HIS A 62 26.44 -13.12 0.63
N PRO A 63 25.11 -13.24 0.73
CA PRO A 63 24.27 -12.11 1.09
C PRO A 63 24.57 -11.63 2.51
N LYS A 64 24.38 -10.34 2.75
CA LYS A 64 24.68 -9.74 4.06
C LYS A 64 23.64 -10.00 5.16
N TYR A 65 22.49 -10.56 4.79
CA TYR A 65 21.40 -10.87 5.73
C TYR A 65 20.50 -11.89 5.05
N LYS A 66 19.55 -12.42 5.80
CA LYS A 66 18.53 -13.32 5.26
C LYS A 66 17.21 -12.57 5.35
N LEU A 67 16.41 -12.67 4.29
CA LEU A 67 15.14 -12.00 4.23
C LEU A 67 14.02 -13.03 4.25
N GLU A 68 13.20 -12.98 5.28
CA GLU A 68 12.05 -13.86 5.39
C GLU A 68 10.82 -13.00 5.19
N LEU A 69 10.02 -13.34 4.18
CA LEU A 69 8.81 -12.60 3.89
C LEU A 69 7.61 -13.34 4.52
N VAL A 70 6.90 -12.65 5.40
CA VAL A 70 5.79 -13.25 6.15
C VAL A 70 4.45 -12.66 5.65
N LYS A 71 3.60 -13.53 5.10
CA LYS A 71 2.32 -13.11 4.50
C LYS A 71 1.13 -13.03 5.43
N PHE A 72 0.32 -11.99 5.25
CA PHE A 72 -0.89 -11.74 6.04
C PHE A 72 -2.04 -11.54 5.07
N ASN A 73 -3.28 -11.83 5.51
CA ASN A 73 -4.47 -11.67 4.67
C ASN A 73 -5.23 -10.38 4.96
N ASN A 74 -4.90 -9.71 6.05
CA ASN A 74 -5.56 -8.47 6.46
C ASN A 74 -4.62 -7.57 7.22
N TRP A 75 -4.95 -6.28 7.27
CA TRP A 75 -4.10 -5.29 7.92
C TRP A 75 -3.96 -5.37 9.44
N PRO A 76 -5.05 -5.60 10.18
CA PRO A 76 -4.88 -5.70 11.63
C PRO A 76 -3.90 -6.82 12.07
N ASP A 77 -3.99 -8.01 11.47
CA ASP A 77 -3.04 -9.09 11.81
C ASP A 77 -1.60 -8.67 11.55
N LEU A 78 -1.38 -8.01 10.42
CA LEU A 78 -0.05 -7.56 10.06
C LEU A 78 0.50 -6.53 11.10
N ASP A 80 -0.44 -6.12 14.27
CA ASP A 80 -0.19 -6.82 15.56
C ASP A 80 1.17 -7.53 15.58
N ALA A 81 1.52 -8.19 14.46
CA ALA A 81 2.82 -8.86 14.37
C ALA A 81 3.94 -7.81 14.39
N LEU A 82 3.72 -6.68 13.72
CA LEU A 82 4.71 -5.61 13.70
C LEU A 82 4.92 -5.04 15.11
N ASN A 83 3.83 -4.71 15.78
CA ASN A 83 3.88 -4.14 17.14
C ASN A 83 4.37 -5.09 18.24
N SER A 84 4.15 -6.38 18.06
CA SER A 84 4.60 -7.37 19.01
C SER A 84 6.03 -7.82 18.69
N GLY A 85 6.62 -7.32 17.60
CA GLY A 85 8.00 -7.72 17.24
C GLY A 85 8.17 -9.10 16.62
N ARG A 86 7.08 -9.74 16.20
CA ARG A 86 7.20 -11.05 15.55
C ARG A 86 7.72 -10.89 14.10
N ILE A 87 7.61 -9.67 13.57
CA ILE A 87 8.25 -9.30 12.32
C ILE A 87 9.06 -8.04 12.64
N ASP A 88 10.13 -7.84 11.88
CA ASP A 88 11.06 -6.72 12.05
C ASP A 88 10.66 -5.45 11.29
N GLY A 89 9.78 -5.62 10.32
CA GLY A 89 9.31 -4.52 9.50
C GLY A 89 8.17 -5.00 8.62
N ALA A 90 7.75 -4.15 7.70
CA ALA A 90 6.60 -4.48 6.88
C ALA A 90 6.33 -3.45 5.80
N SER A 91 5.66 -3.89 4.72
CA SER A 91 5.11 -2.97 3.71
C SER A 91 3.69 -2.75 4.24
N THR A 92 3.30 -1.51 4.49
CA THR A 92 2.01 -1.23 5.15
C THR A 92 1.39 0.10 4.77
N LEU A 93 0.09 0.21 5.02
CA LEU A 93 -0.64 1.45 4.77
C LEU A 93 0.05 2.58 5.56
N ILE A 94 0.32 3.70 4.90
CA ILE A 94 1.06 4.79 5.55
C ILE A 94 0.26 5.43 6.69
N GLU A 95 -1.08 5.51 6.55
CA GLU A 95 -1.91 6.15 7.57
C GLU A 95 -1.98 5.27 8.80
N LEU A 96 -2.05 3.96 8.58
CA LEU A 96 -2.11 2.95 9.64
C LEU A 96 -0.84 2.98 10.48
N ALA A 97 0.29 3.04 9.77
CA ALA A 97 1.61 3.17 10.40
C ALA A 97 1.74 4.52 11.15
N LYS A 99 -0.74 6.29 12.50
CA LYS A 99 -1.60 6.20 13.67
C LYS A 99 -0.90 5.39 14.76
N SER A 100 -0.34 4.25 14.39
CA SER A 100 0.40 3.42 15.30
C SER A 100 1.54 4.25 15.90
N LYS A 101 2.22 5.02 15.05
CA LYS A 101 3.29 5.92 15.53
C LYS A 101 2.74 6.95 16.53
N GLN A 102 1.60 7.56 16.21
CA GLN A 102 0.97 8.52 17.12
C GLN A 102 0.64 7.85 18.45
N LYS A 103 0.38 6.55 18.42
CA LYS A 103 0.11 5.81 19.64
C LYS A 103 1.38 5.28 20.33
N GLY A 104 2.57 5.74 19.90
CA GLY A 104 3.84 5.37 20.58
C GLY A 104 4.69 4.27 19.95
N SER A 105 4.36 3.86 18.73
CA SER A 105 5.13 2.82 18.06
C SER A 105 6.56 3.24 17.83
N ASN A 106 7.45 2.27 17.90
CA ASN A 106 8.86 2.52 17.66
C ASN A 106 9.26 2.50 16.16
N ILE A 107 8.31 2.32 15.26
CA ILE A 107 8.64 2.20 13.83
C ILE A 107 9.02 3.50 13.14
N LYS A 108 9.69 3.37 11.99
CA LYS A 108 10.10 4.46 11.11
C LYS A 108 9.87 4.02 9.67
N ALA A 109 9.32 4.91 8.86
CA ALA A 109 9.13 4.68 7.42
C ALA A 109 10.45 5.04 6.76
N VAL A 110 10.90 4.18 5.86
CA VAL A 110 12.20 4.37 5.20
C VAL A 110 12.08 4.56 3.71
N ALA A 111 10.98 4.08 3.12
CA ALA A 111 10.77 4.25 1.69
C ALA A 111 9.36 3.91 1.28
N LEU A 112 8.97 4.36 0.10
CA LEU A 112 7.64 3.98 -0.43
C LEU A 112 7.69 2.53 -0.93
N GLY A 113 6.56 1.86 -0.97
CA GLY A 113 6.49 0.54 -1.56
C GLY A 113 6.27 0.63 -3.09
N HIS A 114 5.74 1.76 -3.54
CA HIS A 114 5.32 1.91 -4.92
C HIS A 114 4.70 3.29 -5.15
N HIS A 115 4.34 3.55 -6.39
CA HIS A 115 3.54 4.75 -6.76
C HIS A 115 2.29 4.20 -7.44
N GLU A 116 1.15 4.84 -7.18
CA GLU A 116 -0.13 4.49 -7.78
C GLU A 116 -0.62 3.07 -7.45
N GLY A 117 -1.24 2.39 -8.41
CA GLY A 117 -1.72 1.03 -8.18
C GLY A 117 -3.00 0.86 -7.36
N ASN A 118 -3.74 1.95 -7.14
CA ASN A 118 -5.03 1.92 -6.40
C ASN A 118 -6.21 2.08 -7.36
N VAL A 119 -7.33 1.45 -7.00
CA VAL A 119 -8.52 1.55 -7.80
C VAL A 119 -9.77 1.80 -6.97
N ILE A 120 -10.83 2.23 -7.66
CA ILE A 120 -12.16 2.38 -7.09
C ILE A 120 -13.03 1.56 -8.00
N GLY A 122 -16.82 -0.43 -8.82
CA GLY A 122 -18.25 -0.32 -8.62
C GLY A 122 -18.89 -1.59 -9.16
N GLN A 123 -20.18 -1.76 -8.91
CA GLN A 123 -20.90 -2.92 -9.40
C GLN A 123 -20.93 -2.89 -10.91
N LYS A 124 -21.15 -4.06 -11.49
CA LYS A 124 -21.25 -4.24 -12.92
C LYS A 124 -22.22 -3.25 -13.56
N GLY A 125 -21.80 -2.60 -14.64
CA GLY A 125 -22.64 -1.63 -15.40
C GLY A 125 -22.95 -0.28 -14.75
N HIS A 127 -22.31 3.58 -13.64
N HIS A 127 -22.32 3.59 -13.62
CA HIS A 127 -21.64 4.72 -14.24
CA HIS A 127 -21.68 4.74 -14.26
C HIS A 127 -21.44 5.76 -13.16
C HIS A 127 -21.44 5.77 -13.15
N LEU A 128 -20.35 6.53 -13.24
CA LEU A 128 -20.08 7.57 -12.24
C LEU A 128 -21.25 8.56 -12.07
N ASN A 129 -22.05 8.74 -13.14
CA ASN A 129 -23.24 9.61 -13.10
C ASN A 129 -24.38 8.99 -12.31
N GLU A 130 -24.23 7.74 -11.92
CA GLU A 130 -25.26 7.02 -11.17
C GLU A 130 -25.38 7.67 -9.80
N PHE A 131 -24.23 8.06 -9.23
CA PHE A 131 -24.18 8.62 -7.89
C PHE A 131 -24.89 9.97 -7.74
N ASN A 132 -25.78 10.05 -6.75
CA ASN A 132 -26.54 11.27 -6.48
C ASN A 132 -26.90 11.39 -5.01
N ASN A 133 -27.49 12.52 -4.63
CA ASN A 133 -27.92 12.77 -3.25
C ASN A 133 -29.37 12.46 -2.99
N ASN A 134 -30.04 11.96 -4.03
CA ASN A 134 -31.48 11.74 -4.04
C ASN A 134 -32.00 10.53 -3.27
N GLY A 135 -31.26 9.43 -3.30
CA GLY A 135 -31.70 8.21 -2.64
C GLY A 135 -30.87 7.79 -1.43
N ASP A 136 -30.78 6.48 -1.26
CA ASP A 136 -30.07 5.90 -0.13
C ASP A 136 -28.57 6.02 -0.28
N ASP A 137 -27.93 5.84 0.85
CA ASP A 137 -26.51 5.91 0.99
C ASP A 137 -25.78 4.81 0.17
N TYR A 138 -24.56 5.11 -0.25
CA TYR A 138 -23.74 4.16 -0.99
C TYR A 138 -22.74 3.51 -0.02
N HIS A 139 -22.52 2.21 -0.16
CA HIS A 139 -21.62 1.49 0.72
C HIS A 139 -20.33 1.02 0.07
N PHE A 140 -19.22 1.49 0.61
CA PHE A 140 -17.91 1.19 0.10
C PHE A 140 -17.03 0.37 1.02
N GLY A 141 -16.43 -0.69 0.47
CA GLY A 141 -15.47 -1.50 1.20
C GLY A 141 -14.13 -0.77 1.12
N ILE A 142 -13.41 -0.73 2.24
CA ILE A 142 -12.04 -0.16 2.29
C ILE A 142 -11.19 -1.14 3.09
N PRO A 143 -9.86 -1.14 2.88
CA PRO A 143 -9.03 -2.11 3.61
C PRO A 143 -8.85 -1.83 5.11
N HIS A 144 -8.96 -0.57 5.50
CA HIS A 144 -8.84 -0.13 6.88
C HIS A 144 -9.34 1.31 6.92
N ARG A 145 -9.87 1.74 8.06
CA ARG A 145 -10.28 3.15 8.19
C ARG A 145 -9.10 4.14 7.97
N TYR A 146 -7.89 3.73 8.35
CA TYR A 146 -6.71 4.58 8.17
C TYR A 146 -6.04 4.12 6.90
N SER A 147 -6.54 4.63 5.78
CA SER A 147 -6.03 4.23 4.49
C SER A 147 -6.20 5.33 3.47
N THR A 148 -5.32 5.32 2.47
CA THR A 148 -5.42 6.23 1.33
C THR A 148 -6.71 5.96 0.55
N HIS A 149 -7.22 4.74 0.66
CA HIS A 149 -8.46 4.33 0.00
C HIS A 149 -9.63 5.12 0.52
N TYR A 150 -9.73 5.27 1.85
CA TYR A 150 -10.76 6.13 2.45
C TYR A 150 -10.63 7.57 1.90
N LEU A 151 -9.40 8.08 1.86
CA LEU A 151 -9.17 9.43 1.37
C LEU A 151 -9.53 9.59 -0.10
N LEU A 152 -9.18 8.60 -0.92
CA LEU A 152 -9.50 8.64 -2.35
C LEU A 152 -11.01 8.69 -2.55
N LEU A 153 -11.72 7.87 -1.79
CA LEU A 153 -13.16 7.81 -1.92
C LEU A 153 -13.84 9.09 -1.47
N GLU A 154 -13.35 9.68 -0.38
CA GLU A 154 -13.89 10.95 0.09
C GLU A 154 -13.60 12.07 -0.90
N GLU A 155 -12.46 12.03 -1.55
CA GLU A 155 -12.14 13.05 -2.53
C GLU A 155 -13.03 12.87 -3.76
N LEU A 156 -13.31 11.61 -4.10
CA LEU A 156 -14.16 11.32 -5.24
C LEU A 156 -15.57 11.77 -4.90
N ARG A 157 -15.98 11.57 -3.65
CA ARG A 157 -17.31 12.02 -3.22
C ARG A 157 -17.47 13.54 -3.41
N LYS A 158 -16.45 14.30 -3.04
CA LYS A 158 -16.48 15.77 -3.20
C LYS A 158 -16.43 16.16 -4.67
N GLN A 159 -15.61 15.49 -5.47
CA GLN A 159 -15.54 15.82 -6.91
C GLN A 159 -16.88 15.58 -7.60
N LEU A 160 -17.61 14.55 -7.13
CA LEU A 160 -18.94 14.23 -7.64
C LEU A 160 -20.02 15.07 -6.96
N LYS A 161 -19.61 15.98 -6.07
CA LYS A 161 -20.54 16.87 -5.36
C LYS A 161 -21.63 16.12 -4.57
N ILE A 162 -21.26 14.97 -4.00
CA ILE A 162 -22.17 14.16 -3.18
C ILE A 162 -22.01 14.62 -1.70
N LYS A 163 -23.11 14.69 -0.97
CA LYS A 163 -23.08 15.18 0.42
C LYS A 163 -22.29 14.25 1.36
N PRO A 164 -21.61 14.86 2.35
CA PRO A 164 -20.85 14.14 3.35
C PRO A 164 -21.77 13.15 4.05
N GLY A 165 -21.26 11.96 4.30
CA GLY A 165 -22.05 10.92 4.94
C GLY A 165 -22.91 10.14 3.96
N HIS A 166 -22.92 10.49 2.67
CA HIS A 166 -23.75 9.72 1.73
C HIS A 166 -22.97 8.52 1.18
N PHE A 167 -21.68 8.46 1.50
CA PHE A 167 -20.83 7.29 1.26
C PHE A 167 -20.57 6.75 2.68
N SER A 168 -20.83 5.45 2.87
N SER A 168 -20.85 5.46 2.88
CA SER A 168 -20.61 4.80 4.15
CA SER A 168 -20.63 4.78 4.15
C SER A 168 -19.50 3.80 3.93
C SER A 168 -19.50 3.79 3.92
N TYR A 169 -18.57 3.71 4.87
CA TYR A 169 -17.41 2.85 4.72
C TYR A 169 -17.41 1.61 5.56
N HIS A 170 -16.93 0.52 4.95
CA HIS A 170 -16.92 -0.77 5.61
C HIS A 170 -15.56 -1.44 5.48
N GLU A 171 -14.89 -1.61 6.60
CA GLU A 171 -13.56 -2.21 6.64
C GLU A 171 -13.59 -3.70 6.34
N SER A 173 -10.92 -7.15 4.52
CA SER A 173 -9.68 -7.56 3.86
C SER A 173 -9.85 -7.40 2.35
N PRO A 174 -8.76 -7.08 1.64
CA PRO A 174 -8.82 -6.94 0.20
C PRO A 174 -9.42 -8.19 -0.49
N ALA A 175 -8.96 -9.39 -0.11
CA ALA A 175 -9.43 -10.65 -0.72
C ALA A 175 -10.95 -10.88 -0.59
N GLU A 176 -11.57 -10.23 0.37
CA GLU A 176 -13.01 -10.38 0.60
C GLU A 176 -13.87 -9.43 -0.23
N PRO A 178 -14.14 -8.72 -3.69
CA PRO A 178 -14.87 -9.20 -4.88
C PRO A 178 -16.16 -9.93 -4.55
N ALA A 179 -16.13 -10.82 -3.57
CA ALA A 179 -17.33 -11.57 -3.18
C ALA A 179 -18.37 -10.63 -2.58
N ALA A 180 -17.92 -9.70 -1.74
CA ALA A 180 -18.84 -8.73 -1.12
C ALA A 180 -19.55 -7.87 -2.17
N LEU A 181 -18.82 -7.54 -3.24
CA LEU A 181 -19.36 -6.77 -4.36
C LEU A 181 -20.35 -7.60 -5.18
N SER A 182 -19.91 -8.76 -5.67
CA SER A 182 -20.77 -9.66 -6.47
C SER A 182 -22.07 -10.03 -5.77
N GLU A 183 -22.04 -10.14 -4.45
CA GLU A 183 -23.23 -10.50 -3.68
C GLU A 183 -23.96 -9.27 -3.12
N HIS A 184 -23.64 -8.10 -3.67
CA HIS A 184 -24.29 -6.83 -3.33
C HIS A 184 -24.36 -6.41 -1.88
N ARG A 185 -23.30 -6.68 -1.13
CA ARG A 185 -23.24 -6.23 0.26
C ARG A 185 -22.66 -4.82 0.25
N ILE A 186 -22.00 -4.46 -0.85
CA ILE A 186 -21.43 -3.14 -1.05
C ILE A 186 -21.71 -2.69 -2.47
N THR A 187 -21.65 -1.38 -2.69
CA THR A 187 -21.88 -0.72 -3.98
C THR A 187 -20.55 -0.72 -4.73
N GLY A 188 -19.47 -0.65 -3.97
CA GLY A 188 -18.13 -0.64 -4.57
C GLY A 188 -17.07 -0.70 -3.51
N TYR A 189 -15.82 -0.56 -3.96
CA TYR A 189 -14.71 -0.60 -3.05
C TYR A 189 -13.50 0.07 -3.64
N SER A 190 -12.54 0.35 -2.76
CA SER A 190 -11.28 0.91 -3.17
C SER A 190 -10.17 0.07 -2.52
N VAL A 191 -9.15 -0.31 -3.29
CA VAL A 191 -8.12 -1.19 -2.81
C VAL A 191 -6.95 -1.20 -3.76
N ALA A 192 -5.83 -1.79 -3.33
CA ALA A 192 -4.66 -1.91 -4.19
C ALA A 192 -4.91 -3.04 -5.16
N GLU A 193 -4.33 -2.96 -6.33
CA GLU A 193 -4.39 -4.09 -7.25
C GLU A 193 -3.61 -5.20 -6.54
N PRO A 194 -3.88 -6.46 -6.90
CA PRO A 194 -4.76 -6.94 -7.94
C PRO A 194 -6.21 -7.15 -7.55
N PHE A 195 -6.66 -6.61 -6.42
CA PHE A 195 -8.02 -6.88 -5.96
C PHE A 195 -9.14 -6.18 -6.73
N GLY A 196 -8.78 -5.22 -7.59
CA GLY A 196 -9.77 -4.59 -8.45
C GLY A 196 -9.91 -5.44 -9.69
N ALA A 197 -8.76 -5.75 -10.32
CA ALA A 197 -8.74 -6.58 -11.49
C ALA A 197 -9.43 -7.91 -11.17
N LEU A 198 -9.22 -8.44 -9.97
CA LEU A 198 -9.85 -9.71 -9.57
C LEU A 198 -11.36 -9.53 -9.52
N GLY A 199 -11.84 -8.39 -9.00
CA GLY A 199 -13.27 -8.11 -8.98
C GLY A 199 -13.90 -8.18 -10.38
N GLU A 200 -13.18 -7.70 -11.39
CA GLU A 200 -13.68 -7.76 -12.75
C GLU A 200 -13.74 -9.19 -13.24
N LYS A 201 -12.68 -9.95 -13.00
CA LYS A 201 -12.58 -11.36 -13.41
C LYS A 201 -13.57 -12.21 -12.61
N LEU A 202 -13.47 -12.15 -11.28
CA LEU A 202 -14.35 -12.95 -10.44
C LEU A 202 -15.70 -12.34 -10.39
N GLY A 203 -16.53 -12.80 -11.31
CA GLY A 203 -17.86 -12.33 -11.40
C GLY A 203 -17.96 -10.92 -11.93
N LYS A 204 -18.64 -10.07 -11.16
CA LYS A 204 -19.04 -8.78 -11.62
C LYS A 204 -18.55 -7.57 -10.80
N GLY A 205 -17.61 -6.84 -11.41
CA GLY A 205 -17.06 -5.61 -10.88
C GLY A 205 -16.61 -4.73 -12.04
N LYS A 206 -16.76 -3.42 -11.91
CA LYS A 206 -16.37 -2.48 -12.95
C LYS A 206 -15.42 -1.45 -12.39
N THR A 207 -14.34 -1.16 -13.14
CA THR A 207 -13.37 -0.15 -12.71
C THR A 207 -13.92 1.23 -12.98
N LEU A 208 -14.21 1.97 -11.92
CA LEU A 208 -14.77 3.31 -12.07
C LEU A 208 -13.69 4.37 -12.18
N LYS A 209 -12.59 4.20 -11.45
CA LYS A 209 -11.56 5.22 -11.43
C LYS A 209 -10.23 4.66 -10.95
N HIS A 210 -9.13 5.16 -11.48
CA HIS A 210 -7.83 4.84 -10.93
C HIS A 210 -7.48 5.94 -9.92
N GLY A 211 -6.71 5.60 -8.90
CA GLY A 211 -6.33 6.60 -7.89
C GLY A 211 -5.74 7.84 -8.53
N ASP A 212 -4.96 7.62 -9.59
CA ASP A 212 -4.29 8.64 -10.38
C ASP A 212 -5.24 9.75 -10.83
N ASP A 213 -6.47 9.37 -11.13
CA ASP A 213 -7.50 10.28 -11.63
C ASP A 213 -8.14 11.09 -10.54
N VAL A 214 -7.89 10.72 -9.29
CA VAL A 214 -8.56 11.33 -8.16
C VAL A 214 -7.58 12.15 -7.33
N ILE A 215 -6.53 11.52 -6.82
CA ILE A 215 -5.48 12.25 -6.13
C ILE A 215 -4.17 11.78 -6.75
N PRO A 216 -3.65 12.54 -7.70
CA PRO A 216 -2.41 12.14 -8.36
C PRO A 216 -1.26 11.82 -7.41
N ASP A 217 -0.68 10.65 -7.60
CA ASP A 217 0.44 10.14 -6.82
C ASP A 217 0.26 10.22 -5.30
N ALA A 218 -0.93 9.86 -4.84
CA ALA A 218 -1.18 9.80 -3.41
C ALA A 218 -0.35 8.65 -2.85
N TYR A 219 0.39 8.90 -1.79
CA TYR A 219 1.13 7.82 -1.20
C TYR A 219 0.15 6.82 -0.57
N CYS A 220 0.47 5.54 -0.65
CA CYS A 220 -0.36 4.49 -0.05
C CYS A 220 0.46 3.62 0.92
N CYS A 221 1.26 2.71 0.41
CA CYS A 221 2.05 1.86 1.27
C CYS A 221 3.50 2.28 1.38
N VAL A 222 4.08 2.05 2.55
CA VAL A 222 5.49 2.38 2.83
C VAL A 222 6.18 1.17 3.48
N LEU A 223 7.49 1.10 3.31
CA LEU A 223 8.30 0.12 4.00
C LEU A 223 8.67 0.78 5.33
N VAL A 224 8.23 0.15 6.43
CA VAL A 224 8.58 0.59 7.75
C VAL A 224 9.43 -0.47 8.43
N LEU A 225 10.35 -0.03 9.29
CA LEU A 225 11.20 -0.91 10.04
C LEU A 225 11.07 -0.57 11.48
N ARG A 226 11.16 -1.60 12.33
CA ARG A 226 11.15 -1.38 13.76
C ARG A 226 12.42 -0.62 14.12
N GLY A 227 12.31 0.27 15.10
CA GLY A 227 13.42 1.13 15.53
C GLY A 227 14.71 0.46 15.92
N GLU A 228 14.65 -0.73 16.51
CA GLU A 228 15.88 -1.41 16.90
C GLU A 228 16.76 -1.79 15.72
N LEU A 229 16.16 -2.17 14.59
CA LEU A 229 16.95 -2.49 13.40
C LEU A 229 17.81 -1.32 13.02
N LEU A 230 17.22 -0.12 13.05
CA LEU A 230 17.95 1.10 12.70
C LEU A 230 19.00 1.44 13.74
N ASP A 231 18.67 1.23 15.00
CA ASP A 231 19.59 1.57 16.08
C ASP A 231 20.69 0.52 16.27
N GLN A 232 20.29 -0.75 16.26
CA GLN A 232 21.17 -1.85 16.61
C GLN A 232 21.77 -2.70 15.48
N HIS A 233 21.16 -2.69 14.31
CA HIS A 233 21.68 -3.46 13.17
C HIS A 233 21.77 -2.55 11.95
N LYS A 234 22.37 -1.38 12.12
CA LYS A 234 22.36 -0.38 11.04
C LYS A 234 23.01 -0.84 9.75
N ASP A 235 24.10 -1.60 9.85
N ASP A 235 24.11 -1.58 9.83
CA ASP A 235 24.77 -2.12 8.66
CA ASP A 235 24.74 -2.11 8.60
C ASP A 235 23.83 -3.05 7.89
C ASP A 235 23.78 -3.04 7.87
N VAL A 236 23.10 -3.90 8.61
CA VAL A 236 22.16 -4.83 8.01
C VAL A 236 20.97 -4.06 7.44
N ALA A 237 20.49 -3.07 8.18
CA ALA A 237 19.36 -2.24 7.75
C ALA A 237 19.74 -1.50 6.47
N GLN A 238 20.94 -0.93 6.44
CA GLN A 238 21.41 -0.23 5.27
C GLN A 238 21.55 -1.16 4.06
N ALA A 239 22.09 -2.35 4.25
CA ALA A 239 22.24 -3.33 3.16
C ALA A 239 20.86 -3.68 2.60
N PHE A 240 19.92 -3.92 3.49
CA PHE A 240 18.55 -4.25 3.07
C PHE A 240 17.87 -3.11 2.24
N VAL A 241 17.93 -1.88 2.74
CA VAL A 241 17.33 -0.74 2.03
C VAL A 241 18.03 -0.50 0.69
N GLN A 242 19.32 -0.78 0.66
CA GLN A 242 20.12 -0.67 -0.57
C GLN A 242 19.65 -1.69 -1.63
N ASP A 243 19.40 -2.94 -1.23
CA ASP A 243 18.91 -3.94 -2.15
C ASP A 243 17.50 -3.55 -2.57
N TYR A 244 16.74 -3.05 -1.64
CA TYR A 244 15.38 -2.56 -1.88
C TYR A 244 15.40 -1.42 -2.91
N LYS A 245 16.37 -0.50 -2.80
CA LYS A 245 16.47 0.64 -3.70
C LYS A 245 16.79 0.18 -5.14
N LYS A 246 17.80 -0.68 -5.27
CA LYS A 246 18.17 -1.26 -6.56
C LYS A 246 16.96 -1.95 -7.19
N SER A 247 16.22 -2.73 -6.37
CA SER A 247 15.05 -3.48 -6.84
C SER A 247 13.98 -2.57 -7.39
N GLY A 248 13.80 -1.43 -6.74
CA GLY A 248 12.81 -0.45 -7.13
C GLY A 248 12.97 0.02 -8.55
N PHE A 249 14.21 0.17 -8.99
CA PHE A 249 14.48 0.57 -10.37
C PHE A 249 14.36 -0.60 -11.34
N LYS A 250 14.75 -1.80 -10.92
CA LYS A 250 14.54 -3.00 -11.76
C LYS A 250 13.05 -3.18 -12.10
N ASN A 252 10.79 -1.04 -12.73
CA ASN A 252 10.25 -0.14 -13.75
C ASN A 252 9.97 -0.92 -15.02
N ASP A 253 10.85 -1.87 -15.32
CA ASP A 253 10.66 -2.72 -16.45
C ASP A 253 9.40 -3.55 -16.17
N ARG A 254 8.34 -3.34 -16.95
CA ARG A 254 7.08 -4.08 -16.76
C ARG A 254 7.10 -5.59 -16.90
N LYS A 255 7.94 -6.13 -17.77
CA LYS A 255 8.00 -7.59 -17.90
C LYS A 255 8.37 -8.17 -16.55
N GLN A 256 9.42 -7.59 -15.94
CA GLN A 256 9.91 -8.02 -14.63
C GLN A 256 8.89 -7.92 -13.51
N SER A 257 8.18 -6.81 -13.41
CA SER A 257 7.23 -6.68 -12.30
C SER A 257 6.14 -7.75 -12.41
N VAL A 258 5.70 -8.05 -13.64
CA VAL A 258 4.71 -9.10 -13.87
C VAL A 258 5.29 -10.45 -13.47
N ASP A 259 6.49 -10.76 -13.98
CA ASP A 259 7.16 -12.04 -13.67
C ASP A 259 7.36 -12.24 -12.16
N ILE A 260 7.78 -11.19 -11.46
CA ILE A 260 7.92 -11.27 -9.99
C ILE A 260 6.60 -11.65 -9.33
N THR A 262 3.75 -12.97 -10.69
CA THR A 262 3.15 -14.25 -11.06
C THR A 262 3.75 -15.36 -10.23
N HIS A 263 5.03 -15.20 -9.94
CA HIS A 263 5.70 -16.18 -9.14
C HIS A 263 5.13 -16.30 -7.72
N HIS A 264 4.98 -15.16 -7.06
CA HIS A 264 4.58 -15.10 -5.65
C HIS A 264 3.10 -15.03 -5.34
N PHE A 265 2.32 -14.39 -6.19
CA PHE A 265 0.90 -14.22 -5.88
C PHE A 265 -0.05 -15.26 -6.47
N LYS A 266 -1.09 -15.57 -5.70
CA LYS A 266 -2.15 -16.46 -6.14
C LYS A 266 -3.11 -15.71 -7.08
N GLN A 267 -2.60 -15.34 -8.24
CA GLN A 267 -3.37 -14.65 -9.27
C GLN A 267 -2.84 -15.11 -10.61
N SER A 268 -3.69 -15.02 -11.62
CA SER A 268 -3.28 -15.37 -12.98
C SER A 268 -2.45 -14.23 -13.60
N ARG A 269 -1.81 -14.53 -14.73
CA ARG A 269 -0.96 -13.57 -15.41
C ARG A 269 -1.80 -12.41 -15.98
N ASP A 270 -3.01 -12.69 -16.45
CA ASP A 270 -3.82 -11.59 -16.98
C ASP A 270 -4.21 -10.59 -15.90
N VAL A 271 -4.61 -11.08 -14.72
CA VAL A 271 -4.93 -10.20 -13.60
C VAL A 271 -3.70 -9.40 -13.15
N LEU A 272 -2.51 -10.02 -13.17
CA LEU A 272 -1.29 -9.35 -12.69
C LEU A 272 -0.68 -8.39 -13.74
N THR A 273 -0.92 -8.65 -15.02
CA THR A 273 -0.49 -7.75 -16.09
C THR A 273 -1.28 -6.45 -15.96
N GLN A 274 -2.60 -6.57 -15.79
CA GLN A 274 -3.43 -5.38 -15.57
C GLN A 274 -2.97 -4.62 -14.30
N SER A 275 -2.70 -5.37 -13.23
CA SER A 275 -2.29 -4.82 -11.95
C SER A 275 -0.96 -4.08 -12.05
N ALA A 276 -0.01 -4.70 -12.76
CA ALA A 276 1.30 -4.13 -12.94
C ALA A 276 1.29 -2.93 -13.88
N ALA A 277 0.40 -2.95 -14.88
CA ALA A 277 0.30 -1.85 -15.81
C ALA A 277 0.01 -0.54 -15.09
N TRP A 278 -0.78 -0.57 -14.02
CA TRP A 278 -1.17 0.67 -13.31
C TRP A 278 -0.38 0.99 -12.04
N THR A 279 0.66 0.20 -11.76
CA THR A 279 1.51 0.44 -10.61
C THR A 279 2.87 0.85 -11.15
N SER A 280 3.60 1.70 -10.45
CA SER A 280 4.97 2.04 -10.87
C SER A 280 5.85 1.98 -9.63
N TYR A 281 7.16 1.93 -9.85
CA TYR A 281 8.11 1.86 -8.75
C TYR A 281 9.20 2.93 -8.97
N GLY A 282 10.45 2.55 -9.22
CA GLY A 282 11.51 3.53 -9.46
C GLY A 282 12.02 4.23 -8.19
N ASP A 283 11.97 5.55 -8.20
CA ASP A 283 12.43 6.34 -7.06
C ASP A 283 11.39 6.20 -5.96
N LEU A 284 11.77 5.53 -4.88
CA LEU A 284 10.86 5.28 -3.79
C LEU A 284 11.15 6.17 -2.57
N THR A 285 11.76 7.34 -2.79
CA THR A 285 12.00 8.30 -1.71
C THR A 285 10.64 8.76 -1.14
N ILE A 286 10.52 8.82 0.17
CA ILE A 286 9.34 9.39 0.79
C ILE A 286 9.62 10.90 0.85
N LYS A 287 9.06 11.64 -0.08
CA LYS A 287 9.35 13.06 -0.15
C LYS A 287 8.50 13.84 0.82
N PRO A 288 9.07 14.91 1.38
CA PRO A 288 8.31 15.74 2.31
C PRO A 288 6.97 16.22 1.71
N SER A 289 6.98 16.62 0.45
CA SER A 289 5.78 17.13 -0.20
C SER A 289 4.69 16.05 -0.25
N GLY A 290 5.07 14.84 -0.64
CA GLY A 290 4.11 13.74 -0.68
C GLY A 290 3.61 13.38 0.70
N TYR A 291 4.51 13.41 1.68
CA TYR A 291 4.12 13.11 3.06
C TYR A 291 3.16 14.19 3.58
N GLN A 292 3.46 15.44 3.27
CA GLN A 292 2.66 16.53 3.73
C GLN A 292 1.23 16.44 3.16
N GLU A 293 1.09 15.94 1.93
CA GLU A 293 -0.24 15.77 1.34
C GLU A 293 -1.08 14.81 2.17
N ILE A 294 -0.47 13.70 2.61
CA ILE A 294 -1.18 12.71 3.45
C ILE A 294 -1.53 13.30 4.82
N THR A 295 -0.59 14.02 5.42
CA THR A 295 -0.87 14.63 6.73
C THR A 295 -2.04 15.60 6.65
N THR A 296 -2.08 16.39 5.57
CA THR A 296 -3.13 17.36 5.35
C THR A 296 -4.49 16.70 5.31
N LEU A 297 -4.56 15.63 4.52
CA LEU A 297 -5.80 14.89 4.34
C LEU A 297 -6.26 14.16 5.62
N VAL A 298 -5.34 13.57 6.37
CA VAL A 298 -5.64 12.90 7.65
C VAL A 298 -6.17 13.95 8.65
N LYS A 299 -5.53 15.11 8.67
CA LYS A 299 -5.93 16.21 9.58
C LYS A 299 -7.31 16.73 9.17
N GLN A 300 -7.47 16.93 7.87
CA GLN A 300 -8.70 17.46 7.31
C GLN A 300 -9.94 16.57 7.59
N HIS A 301 -9.77 15.24 7.64
CA HIS A 301 -10.88 14.34 7.96
C HIS A 301 -10.90 13.94 9.45
N HIS A 302 -10.15 14.66 10.28
CA HIS A 302 -10.08 14.39 11.71
C HIS A 302 -9.75 12.94 12.05
N LEU A 303 -9.02 12.25 11.17
CA LEU A 303 -8.70 10.85 11.46
C LEU A 303 -7.94 10.68 12.78
N PHE A 304 -6.86 11.43 12.92
CA PHE A 304 -6.02 11.41 14.14
C PHE A 304 -4.99 12.52 13.94
N ASN A 305 -4.27 12.95 14.98
CA ASN A 305 -3.25 13.97 14.74
C ASN A 305 -2.02 13.27 14.21
N PRO A 306 -1.63 13.59 12.96
CA PRO A 306 -0.51 12.90 12.34
C PRO A 306 0.84 13.31 12.90
N PRO A 307 1.82 12.38 12.89
CA PRO A 307 3.15 12.69 13.35
C PRO A 307 3.91 13.52 12.30
N ALA A 308 4.83 14.35 12.75
CA ALA A 308 5.65 15.17 11.86
C ALA A 308 6.60 14.28 11.03
N TYR A 309 7.03 14.79 9.89
CA TYR A 309 7.96 14.08 9.01
C TYR A 309 9.19 13.49 9.76
N ASP A 310 9.87 14.34 10.52
CA ASP A 310 11.09 13.90 11.26
C ASP A 310 10.81 12.88 12.37
N ASP A 311 9.57 12.75 12.82
CA ASP A 311 9.27 11.78 13.84
C ASP A 311 8.87 10.44 13.26
N PHE A 312 8.38 10.44 12.01
CA PHE A 312 7.88 9.22 11.37
C PHE A 312 8.84 8.69 10.32
N VAL A 313 9.37 9.58 9.49
CA VAL A 313 10.19 9.19 8.39
C VAL A 313 11.67 9.27 8.72
N GLU A 314 12.40 8.22 8.33
CA GLU A 314 13.86 8.22 8.43
C GLU A 314 14.37 8.03 7.00
N PRO A 315 14.58 9.14 6.27
CA PRO A 315 14.95 9.08 4.88
C PRO A 315 16.45 8.89 4.61
N SER A 316 17.28 8.82 5.65
CA SER A 316 18.74 8.68 5.42
C SER A 316 19.17 7.37 4.74
N LEU A 317 18.58 6.25 5.14
CA LEU A 317 18.97 4.95 4.58
C LEU A 317 18.76 4.86 3.08
N TYR A 318 17.62 5.35 2.61
CA TYR A 318 17.33 5.31 1.19
C TYR A 318 18.16 6.33 0.42
N LYS A 319 18.35 7.51 1.00
CA LYS A 319 19.15 8.54 0.33
C LYS A 319 20.61 8.12 0.21
N GLU A 320 21.17 7.55 1.26
CA GLU A 320 22.59 7.12 1.23
C GLU A 320 22.80 5.89 0.36
N ALA A 321 21.78 5.06 0.20
CA ALA A 321 21.90 3.87 -0.62
C ALA A 321 22.15 4.30 -2.06
N SER A 322 23.05 3.60 -2.74
CA SER A 322 23.35 3.91 -4.14
C SER A 322 22.25 3.38 -5.07
N ARG A 323 22.08 4.05 -6.20
CA ARG A 323 21.11 3.63 -7.19
C ARG A 323 21.64 2.39 -7.94
N SER A 324 22.94 2.40 -8.21
CA SER A 324 23.68 1.35 -8.96
C SER A 324 23.52 -0.08 -8.43
#